data_1HTD
#
_entry.id   1HTD
#
_cell.length_a   97.320
_cell.length_b   97.320
_cell.length_c   87.760
_cell.angle_alpha   90.00
_cell.angle_beta   90.00
_cell.angle_gamma   120.00
#
_symmetry.space_group_name_H-M   'P 65'
#
loop_
_entity.id
_entity.type
_entity.pdbx_description
1 polymer 'ATROLYSIN C'
2 non-polymer 'ZINC ION'
3 non-polymer 'CALCIUM ION'
4 water water
#
_entity_poly.entity_id   1
_entity_poly.type   'polypeptide(L)'
_entity_poly.pdbx_seq_one_letter_code
;QNLPQRYIELVVVADHRVFMKYNSDLNTIRTRVHEIVNFINGFYRSLNIHVSLTDLEIWSNEDQINIQSASSDTLNAFAE
WRETDLLNRKSHDNAQLLTAIELDEETLGLAPLGTMCDPKLSIGIVQDHSPINLLMGVTMAHELGHNLGMEHDGKDCLRG
ASLCIMRPGLTKGRSYEFSDDSMHYYERFLKQYKPQCILNKP
;
_entity_poly.pdbx_strand_id   A,B
#
loop_
_chem_comp.id
_chem_comp.type
_chem_comp.name
_chem_comp.formula
CA non-polymer 'CALCIUM ION' 'Ca 2'
ZN non-polymer 'ZINC ION' 'Zn 2'
#
# COMPACT_ATOMS: atom_id res chain seq x y z
N LEU A 3 -3.51 8.75 -0.62
CA LEU A 3 -2.03 8.86 -0.72
C LEU A 3 -1.60 8.37 -2.08
N PRO A 4 -1.14 9.28 -2.95
CA PRO A 4 -0.69 8.90 -4.29
C PRO A 4 0.54 7.98 -4.28
N GLN A 5 0.81 7.34 -5.40
CA GLN A 5 1.93 6.42 -5.51
C GLN A 5 3.21 7.22 -5.69
N ARG A 6 4.14 7.06 -4.76
CA ARG A 6 5.40 7.75 -4.85
C ARG A 6 6.53 6.75 -4.86
N TYR A 7 7.69 7.18 -5.33
CA TYR A 7 8.84 6.29 -5.42
C TYR A 7 10.16 6.92 -5.00
N ILE A 8 10.92 6.17 -4.21
CA ILE A 8 12.21 6.63 -3.75
C ILE A 8 13.32 5.83 -4.39
N GLU A 9 14.27 6.54 -4.97
CA GLU A 9 15.43 5.92 -5.57
C GLU A 9 16.46 6.04 -4.48
N LEU A 10 16.62 4.96 -3.73
CA LEU A 10 17.53 4.89 -2.61
C LEU A 10 18.92 4.37 -2.95
N VAL A 11 19.94 5.04 -2.40
CA VAL A 11 21.31 4.61 -2.55
C VAL A 11 21.83 4.43 -1.12
N VAL A 12 22.32 3.21 -0.82
CA VAL A 12 22.86 2.87 0.50
C VAL A 12 24.40 2.87 0.41
N VAL A 13 25.05 3.63 1.28
CA VAL A 13 26.50 3.73 1.31
C VAL A 13 26.99 2.99 2.54
N ALA A 14 27.85 2.00 2.36
CA ALA A 14 28.39 1.23 3.48
C ALA A 14 29.82 1.70 3.69
N ASP A 15 30.16 2.07 4.93
CA ASP A 15 31.51 2.56 5.22
C ASP A 15 32.56 1.45 5.31
N HIS A 16 33.81 1.84 5.57
CA HIS A 16 34.93 0.90 5.65
C HIS A 16 34.75 -0.13 6.77
N ARG A 17 34.21 0.34 7.89
CA ARG A 17 33.96 -0.52 9.04
C ARG A 17 32.96 -1.67 8.76
N VAL A 18 31.97 -1.42 7.91
CA VAL A 18 31.00 -2.45 7.55
C VAL A 18 31.74 -3.41 6.61
N PHE A 19 32.61 -2.85 5.78
CA PHE A 19 33.36 -3.66 4.85
C PHE A 19 34.20 -4.69 5.61
N MET A 20 34.93 -4.21 6.61
CA MET A 20 35.79 -5.07 7.42
C MET A 20 34.98 -6.08 8.24
N LYS A 21 33.88 -5.61 8.83
CA LYS A 21 33.00 -6.42 9.66
C LYS A 21 32.50 -7.67 8.93
N TYR A 22 32.24 -7.54 7.62
CA TYR A 22 31.76 -8.68 6.85
C TYR A 22 32.84 -9.41 6.11
N ASN A 23 34.06 -9.24 6.62
CA ASN A 23 35.23 -9.90 6.07
C ASN A 23 35.53 -9.51 4.64
N SER A 24 35.39 -8.22 4.33
CA SER A 24 35.64 -7.70 2.99
C SER A 24 34.92 -8.48 1.89
N ASP A 25 33.73 -8.99 2.25
CA ASP A 25 32.89 -9.78 1.37
C ASP A 25 31.70 -8.94 0.89
N LEU A 26 31.87 -8.36 -0.30
CA LEU A 26 30.84 -7.52 -0.88
C LEU A 26 29.52 -8.24 -1.06
N ASN A 27 29.59 -9.48 -1.51
CA ASN A 27 28.40 -10.27 -1.79
C ASN A 27 27.44 -10.45 -0.61
N THR A 28 28.01 -10.57 0.58
CA THR A 28 27.23 -10.75 1.81
C THR A 28 26.58 -9.40 2.17
N ILE A 29 27.36 -8.33 2.06
CA ILE A 29 26.86 -7.01 2.34
C ILE A 29 25.67 -6.71 1.42
N ARG A 30 25.85 -6.96 0.14
CA ARG A 30 24.82 -6.69 -0.83
C ARG A 30 23.55 -7.45 -0.54
N THR A 31 23.67 -8.70 -0.11
CA THR A 31 22.52 -9.51 0.21
C THR A 31 21.73 -9.00 1.42
N ARG A 32 22.44 -8.60 2.48
CA ARG A 32 21.79 -8.03 3.65
C ARG A 32 21.00 -6.79 3.23
N VAL A 33 21.67 -5.90 2.51
CA VAL A 33 21.06 -4.66 2.04
C VAL A 33 19.81 -4.88 1.19
N HIS A 34 19.82 -5.88 0.31
CA HIS A 34 18.63 -6.17 -0.48
C HIS A 34 17.47 -6.67 0.38
N GLU A 35 17.78 -7.48 1.39
CA GLU A 35 16.73 -7.99 2.27
C GLU A 35 16.10 -6.89 3.09
N ILE A 36 16.94 -5.98 3.57
CA ILE A 36 16.48 -4.85 4.37
C ILE A 36 15.49 -3.99 3.55
N VAL A 37 15.80 -3.75 2.27
CA VAL A 37 14.96 -2.97 1.39
C VAL A 37 13.62 -3.68 1.15
N ASN A 38 13.66 -5.00 1.05
CA ASN A 38 12.44 -5.79 0.88
C ASN A 38 11.56 -5.58 2.12
N PHE A 39 12.22 -5.43 3.28
CA PHE A 39 11.54 -5.19 4.54
C PHE A 39 10.96 -3.79 4.56
N ILE A 40 11.76 -2.82 4.11
CA ILE A 40 11.34 -1.43 4.04
C ILE A 40 10.02 -1.32 3.22
N ASN A 41 9.96 -1.99 2.07
CA ASN A 41 8.77 -1.98 1.22
C ASN A 41 7.52 -2.55 1.85
N GLY A 42 7.70 -3.51 2.75
CA GLY A 42 6.57 -4.10 3.44
C GLY A 42 5.89 -3.06 4.31
N PHE A 43 6.69 -2.32 5.07
CA PHE A 43 6.18 -1.27 5.95
C PHE A 43 5.54 -0.12 5.17
N TYR A 44 6.21 0.36 4.13
CA TYR A 44 5.72 1.47 3.31
C TYR A 44 4.53 1.26 2.36
N ARG A 45 4.16 0.01 2.09
CA ARG A 45 3.02 -0.32 1.22
C ARG A 45 1.75 0.43 1.56
N SER A 46 1.42 0.44 2.85
CA SER A 46 0.24 1.11 3.35
C SER A 46 0.18 2.62 3.04
N LEU A 47 1.35 3.21 2.79
CA LEU A 47 1.49 4.64 2.46
C LEU A 47 1.61 4.90 0.97
N ASN A 48 1.62 3.85 0.16
CA ASN A 48 1.76 3.98 -1.29
C ASN A 48 3.13 4.48 -1.77
N ILE A 49 4.19 4.12 -1.06
CA ILE A 49 5.57 4.50 -1.41
C ILE A 49 6.34 3.23 -1.77
N HIS A 50 7.07 3.27 -2.87
CA HIS A 50 7.87 2.13 -3.30
C HIS A 50 9.34 2.56 -3.31
N VAL A 51 10.19 1.83 -2.61
CA VAL A 51 11.62 2.16 -2.54
C VAL A 51 12.42 1.25 -3.48
N SER A 52 13.29 1.84 -4.29
CA SER A 52 14.16 1.12 -5.21
C SER A 52 15.61 1.29 -4.78
N LEU A 53 16.35 0.19 -4.67
CA LEU A 53 17.75 0.32 -4.32
C LEU A 53 18.42 0.70 -5.64
N THR A 54 18.63 2.00 -5.81
CA THR A 54 19.26 2.55 -6.99
C THR A 54 20.72 2.11 -7.05
N ASP A 55 21.35 2.02 -5.90
CA ASP A 55 22.73 1.59 -5.90
C ASP A 55 23.25 1.41 -4.50
N LEU A 56 24.23 0.53 -4.38
CA LEU A 56 24.88 0.26 -3.12
C LEU A 56 26.33 0.57 -3.40
N GLU A 57 26.90 1.49 -2.64
CA GLU A 57 28.29 1.88 -2.80
C GLU A 57 29.01 1.46 -1.53
N ILE A 58 30.16 0.83 -1.67
CA ILE A 58 30.91 0.39 -0.50
C ILE A 58 32.31 0.97 -0.47
N TRP A 59 32.66 1.59 0.65
CA TRP A 59 33.98 2.19 0.86
C TRP A 59 35.00 1.13 1.25
N SER A 60 35.27 0.26 0.26
CA SER A 60 36.18 -0.86 0.38
C SER A 60 37.61 -0.41 0.64
N ASN A 61 38.01 0.68 0.00
CA ASN A 61 39.36 1.16 0.19
C ASN A 61 39.49 1.99 1.45
N GLU A 62 38.62 2.96 1.62
CA GLU A 62 38.66 3.81 2.81
C GLU A 62 37.45 4.69 2.83
N ASP A 63 37.15 5.24 4.00
CA ASP A 63 36.00 6.13 4.16
C ASP A 63 36.24 7.39 3.37
N GLN A 64 35.18 7.92 2.76
CA GLN A 64 35.29 9.13 1.97
C GLN A 64 35.09 10.34 2.86
N ILE A 65 34.46 10.14 4.03
CA ILE A 65 34.25 11.20 5.01
C ILE A 65 34.87 10.78 6.33
N ASN A 66 34.94 11.71 7.28
CA ASN A 66 35.51 11.44 8.59
C ASN A 66 34.40 10.85 9.47
N ILE A 67 34.41 9.54 9.66
CA ILE A 67 33.40 8.85 10.46
C ILE A 67 33.67 9.06 11.94
N GLN A 68 32.68 9.60 12.64
CA GLN A 68 32.79 9.87 14.08
C GLN A 68 31.68 9.23 14.91
N SER A 69 31.92 9.11 16.21
CA SER A 69 30.95 8.54 17.14
C SER A 69 29.80 9.50 17.36
N ALA A 70 30.05 10.78 17.10
CA ALA A 70 29.02 11.82 17.24
C ALA A 70 28.16 11.83 15.99
N SER A 71 27.00 11.19 16.07
CA SER A 71 26.08 11.08 14.94
C SER A 71 25.80 12.36 14.20
N SER A 72 25.73 13.48 14.92
CA SER A 72 25.46 14.76 14.28
C SER A 72 26.62 15.25 13.43
N ASP A 73 27.85 15.02 13.89
CA ASP A 73 29.02 15.44 13.13
C ASP A 73 29.10 14.54 11.89
N THR A 74 28.90 13.25 12.10
CA THR A 74 28.94 12.28 11.01
C THR A 74 27.87 12.62 9.99
N LEU A 75 26.69 13.00 10.48
CA LEU A 75 25.61 13.37 9.59
C LEU A 75 25.96 14.64 8.76
N ASN A 76 26.63 15.60 9.38
CA ASN A 76 27.02 16.83 8.70
C ASN A 76 28.03 16.57 7.59
N ALA A 77 29.01 15.72 7.88
CA ALA A 77 30.04 15.34 6.92
C ALA A 77 29.42 14.59 5.76
N PHE A 78 28.54 13.64 6.07
CA PHE A 78 27.87 12.85 5.05
C PHE A 78 26.93 13.72 4.20
N ALA A 79 26.34 14.77 4.78
CA ALA A 79 25.45 15.66 4.03
C ALA A 79 26.20 16.37 2.90
N GLU A 80 27.34 16.95 3.24
CA GLU A 80 28.17 17.67 2.28
C GLU A 80 28.67 16.74 1.19
N TRP A 81 29.16 15.57 1.60
CA TRP A 81 29.71 14.60 0.65
C TRP A 81 28.67 14.16 -0.37
N ARG A 82 27.46 13.89 0.09
CA ARG A 82 26.39 13.46 -0.79
C ARG A 82 26.08 14.58 -1.79
N GLU A 83 25.93 15.80 -1.29
CA GLU A 83 25.64 16.95 -2.13
C GLU A 83 26.72 17.27 -3.15
N THR A 84 27.96 17.31 -2.69
CA THR A 84 29.10 17.65 -3.54
C THR A 84 29.70 16.49 -4.35
N ASP A 85 29.55 15.26 -3.88
CA ASP A 85 30.15 14.15 -4.59
C ASP A 85 29.18 13.19 -5.22
N LEU A 86 28.55 12.38 -4.39
CA LEU A 86 27.64 11.38 -4.89
C LEU A 86 26.54 11.89 -5.82
N LEU A 87 25.93 13.04 -5.50
CA LEU A 87 24.85 13.60 -6.31
C LEU A 87 25.30 13.92 -7.74
N ASN A 88 26.55 14.32 -7.86
CA ASN A 88 27.14 14.64 -9.15
C ASN A 88 27.47 13.35 -9.94
N ARG A 89 27.63 12.24 -9.23
CA ARG A 89 27.95 10.97 -9.85
C ARG A 89 26.74 10.16 -10.22
N LYS A 90 25.71 10.17 -9.39
CA LYS A 90 24.51 9.42 -9.73
C LYS A 90 23.25 10.00 -9.16
N SER A 91 22.21 9.94 -9.97
CA SER A 91 20.92 10.46 -9.62
C SER A 91 20.15 9.46 -8.78
N HIS A 92 19.67 9.96 -7.66
CA HIS A 92 18.92 9.17 -6.70
C HIS A 92 18.15 10.22 -5.90
N ASP A 93 17.21 9.76 -5.08
CA ASP A 93 16.37 10.65 -4.28
C ASP A 93 16.82 10.75 -2.83
N ASN A 94 17.35 9.66 -2.27
CA ASN A 94 17.77 9.64 -0.87
C ASN A 94 18.98 8.72 -0.68
N ALA A 95 19.85 9.07 0.25
CA ALA A 95 21.01 8.27 0.51
C ALA A 95 21.07 7.99 1.99
N GLN A 96 21.38 6.75 2.35
CA GLN A 96 21.48 6.34 3.75
C GLN A 96 22.87 5.74 3.97
N LEU A 97 23.56 6.17 5.01
CA LEU A 97 24.89 5.64 5.31
C LEU A 97 24.76 4.49 6.31
N LEU A 98 25.30 3.33 5.97
CA LEU A 98 25.28 2.19 6.86
C LEU A 98 26.65 2.15 7.50
N THR A 99 26.74 2.57 8.76
CA THR A 99 28.03 2.58 9.47
C THR A 99 28.09 1.47 10.50
N ALA A 100 29.31 0.99 10.79
CA ALA A 100 29.46 -0.05 11.78
C ALA A 100 30.25 0.50 12.97
N ILE A 101 30.24 1.83 13.13
CA ILE A 101 30.92 2.45 14.25
C ILE A 101 29.87 2.57 15.36
N GLU A 102 30.31 2.56 16.61
CA GLU A 102 29.40 2.69 17.75
C GLU A 102 29.12 4.18 17.97
N LEU A 103 27.91 4.60 17.62
CA LEU A 103 27.54 5.99 17.80
C LEU A 103 27.23 6.25 19.28
N ASP A 104 27.58 7.45 19.72
CA ASP A 104 27.39 7.88 21.11
C ASP A 104 25.94 7.79 21.56
N GLU A 105 25.78 8.01 22.87
CA GLU A 105 24.48 7.99 23.52
C GLU A 105 23.48 6.98 22.98
N GLU A 106 23.96 5.77 22.71
CA GLU A 106 23.13 4.66 22.21
C GLU A 106 22.30 5.03 20.99
N THR A 107 22.95 5.67 20.03
CA THR A 107 22.28 6.08 18.80
C THR A 107 22.37 5.01 17.72
N LEU A 108 21.22 4.57 17.26
CA LEU A 108 21.14 3.54 16.24
C LEU A 108 20.94 4.11 14.82
N GLY A 109 20.55 5.39 14.73
CA GLY A 109 20.32 6.02 13.44
C GLY A 109 19.99 7.49 13.62
N LEU A 110 19.94 8.23 12.52
CA LEU A 110 19.66 9.67 12.55
C LEU A 110 19.30 10.21 11.16
N ALA A 111 18.39 11.19 11.09
CA ALA A 111 17.97 11.78 9.82
C ALA A 111 17.15 13.06 10.03
N PRO A 112 17.37 14.08 9.17
CA PRO A 112 16.63 15.37 9.25
C PRO A 112 15.17 15.18 8.86
N LEU A 113 14.30 15.98 9.48
CA LEU A 113 12.86 15.88 9.26
C LEU A 113 12.39 16.59 8.00
N GLY A 114 11.37 16.02 7.36
CA GLY A 114 10.79 16.61 6.14
C GLY A 114 11.85 17.20 5.25
N THR A 115 12.74 16.33 4.79
CA THR A 115 13.88 16.76 4.02
C THR A 115 14.10 15.97 2.69
N MET A 116 13.17 15.09 2.34
CA MET A 116 13.24 14.29 1.11
C MET A 116 13.46 15.13 -0.16
N CYS A 117 14.31 14.63 -1.06
CA CYS A 117 14.64 15.29 -2.33
C CYS A 117 15.62 16.43 -2.17
N ASP A 118 15.87 16.84 -0.93
CA ASP A 118 16.78 17.95 -0.71
C ASP A 118 18.17 17.53 -1.17
N PRO A 119 18.85 18.37 -1.94
CA PRO A 119 20.19 18.02 -2.40
C PRO A 119 21.23 17.75 -1.31
N LYS A 120 21.12 18.44 -0.18
CA LYS A 120 22.08 18.23 0.91
C LYS A 120 21.52 17.41 2.07
N LEU A 121 20.20 17.46 2.26
CA LEU A 121 19.60 16.77 3.38
C LEU A 121 18.73 15.54 3.20
N SER A 122 18.58 15.06 1.97
CA SER A 122 17.80 13.84 1.77
C SER A 122 18.77 12.69 2.12
N ILE A 123 19.14 12.61 3.41
CA ILE A 123 20.06 11.59 3.92
C ILE A 123 19.66 11.10 5.33
N GLY A 124 20.37 10.08 5.77
CA GLY A 124 20.14 9.49 7.07
C GLY A 124 21.34 8.60 7.36
N ILE A 125 21.65 8.39 8.63
CA ILE A 125 22.76 7.51 8.99
C ILE A 125 22.12 6.40 9.81
N VAL A 126 22.59 5.19 9.57
CA VAL A 126 22.05 4.02 10.22
C VAL A 126 23.22 3.14 10.66
N GLN A 127 23.19 2.70 11.91
CA GLN A 127 24.24 1.84 12.44
C GLN A 127 23.88 0.37 12.32
N ASP A 128 24.82 -0.44 11.84
CA ASP A 128 24.59 -1.86 11.70
C ASP A 128 24.62 -2.42 13.13
N HIS A 129 23.48 -2.37 13.81
CA HIS A 129 23.36 -2.78 15.20
C HIS A 129 22.79 -4.19 15.47
N SER A 130 22.30 -4.86 14.42
CA SER A 130 21.71 -6.17 14.59
C SER A 130 21.95 -7.06 13.37
N PRO A 131 22.06 -8.39 13.58
CA PRO A 131 22.26 -9.33 12.47
C PRO A 131 20.90 -9.76 11.94
N ILE A 132 19.85 -9.17 12.52
CA ILE A 132 18.50 -9.48 12.10
C ILE A 132 18.05 -8.40 11.14
N ASN A 133 17.92 -8.77 9.88
CA ASN A 133 17.51 -7.84 8.84
C ASN A 133 16.21 -7.11 9.13
N LEU A 134 15.22 -7.81 9.70
CA LEU A 134 13.96 -7.17 10.04
C LEU A 134 14.19 -5.89 10.84
N LEU A 135 14.92 -6.02 11.94
CA LEU A 135 15.21 -4.87 12.81
C LEU A 135 16.03 -3.80 12.13
N MET A 136 16.81 -4.19 11.13
CA MET A 136 17.59 -3.22 10.37
C MET A 136 16.65 -2.52 9.43
N GLY A 137 15.64 -3.25 8.95
CA GLY A 137 14.65 -2.69 8.07
C GLY A 137 13.86 -1.61 8.80
N VAL A 138 13.49 -1.92 10.04
CA VAL A 138 12.75 -0.99 10.89
C VAL A 138 13.57 0.30 11.10
N THR A 139 14.84 0.16 11.46
CA THR A 139 15.72 1.32 11.68
C THR A 139 15.82 2.21 10.44
N MET A 140 16.04 1.60 9.29
CA MET A 140 16.17 2.38 8.07
C MET A 140 14.82 2.96 7.63
N ALA A 141 13.73 2.22 7.80
CA ALA A 141 12.41 2.74 7.43
C ALA A 141 12.06 3.94 8.32
N HIS A 142 12.52 3.90 9.56
CA HIS A 142 12.31 4.95 10.54
C HIS A 142 13.03 6.22 10.10
N GLU A 143 14.32 6.12 9.81
CA GLU A 143 15.09 7.28 9.39
C GLU A 143 14.53 7.92 8.12
N LEU A 144 14.03 7.09 7.20
CA LEU A 144 13.42 7.59 5.97
C LEU A 144 12.13 8.28 6.35
N GLY A 145 11.48 7.77 7.39
CA GLY A 145 10.24 8.32 7.91
C GLY A 145 10.42 9.77 8.35
N HIS A 146 11.53 10.09 9.02
CA HIS A 146 11.78 11.47 9.39
C HIS A 146 12.01 12.28 8.10
N ASN A 147 12.79 11.73 7.15
CA ASN A 147 13.02 12.42 5.88
C ASN A 147 11.67 12.75 5.21
N LEU A 148 10.64 11.98 5.51
CA LEU A 148 9.32 12.18 4.95
C LEU A 148 8.39 13.02 5.85
N GLY A 149 8.94 13.69 6.84
CA GLY A 149 8.11 14.52 7.70
C GLY A 149 7.37 13.88 8.86
N MET A 150 7.68 12.63 9.19
CA MET A 150 7.01 12.00 10.31
C MET A 150 7.83 12.24 11.57
N GLU A 151 7.16 12.65 12.64
CA GLU A 151 7.81 12.87 13.92
C GLU A 151 7.60 11.59 14.74
N HIS A 152 8.14 11.55 15.96
CA HIS A 152 7.99 10.36 16.78
C HIS A 152 6.61 10.10 17.35
N ASP A 153 6.33 8.84 17.59
CA ASP A 153 5.08 8.43 18.19
C ASP A 153 5.39 8.40 19.69
N GLY A 154 4.39 8.05 20.49
CA GLY A 154 4.61 7.97 21.91
C GLY A 154 5.51 6.79 22.13
N LYS A 155 6.19 6.76 23.27
CA LYS A 155 7.11 5.65 23.56
C LYS A 155 6.41 4.31 23.61
N ASP A 156 5.08 4.32 23.80
CA ASP A 156 4.32 3.08 23.90
C ASP A 156 3.32 2.90 22.78
N CYS A 157 3.56 3.55 21.66
CA CYS A 157 2.66 3.46 20.52
C CYS A 157 2.52 2.04 19.99
N LEU A 158 1.27 1.64 19.79
CA LEU A 158 0.97 0.33 19.26
C LEU A 158 -0.07 0.52 18.18
N ARG A 159 0.19 -0.07 17.04
CA ARG A 159 -0.79 -0.08 15.98
C ARG A 159 -1.34 -1.50 16.04
N GLY A 160 -2.39 -1.57 16.88
CA GLY A 160 -2.99 -2.86 17.14
C GLY A 160 -2.00 -3.64 18.01
N ALA A 161 -1.37 -4.65 17.43
CA ALA A 161 -0.40 -5.44 18.16
C ALA A 161 1.00 -5.19 17.59
N SER A 162 1.06 -4.37 16.55
CA SER A 162 2.30 -4.07 15.87
C SER A 162 2.96 -2.85 16.45
N LEU A 163 4.25 -2.95 16.75
CA LEU A 163 5.00 -1.83 17.29
C LEU A 163 5.00 -0.70 16.26
N CYS A 164 4.76 0.53 16.72
CA CYS A 164 4.74 1.66 15.81
C CYS A 164 6.16 1.94 15.35
N ILE A 165 6.33 2.01 14.04
CA ILE A 165 7.64 2.24 13.45
C ILE A 165 8.31 3.53 13.96
N MET A 166 7.53 4.59 14.14
CA MET A 166 8.08 5.85 14.59
C MET A 166 8.26 6.11 16.09
N ARG A 167 8.35 5.05 16.90
CA ARG A 167 8.59 5.21 18.33
C ARG A 167 9.98 5.82 18.46
N PRO A 168 10.27 6.50 19.57
CA PRO A 168 11.60 7.11 19.73
C PRO A 168 12.71 6.15 20.17
N GLY A 169 12.46 4.86 20.03
CA GLY A 169 13.44 3.86 20.43
C GLY A 169 12.97 2.51 19.92
N LEU A 170 13.92 1.60 19.69
CA LEU A 170 13.60 0.29 19.17
C LEU A 170 13.42 -0.81 20.21
N THR A 171 12.27 -1.47 20.15
CA THR A 171 11.94 -2.58 21.02
C THR A 171 11.85 -3.74 20.07
N LYS A 172 12.51 -4.85 20.40
CA LYS A 172 12.47 -6.02 19.53
C LYS A 172 11.09 -6.64 19.54
N GLY A 173 10.60 -6.90 18.34
CA GLY A 173 9.30 -7.49 18.13
C GLY A 173 9.31 -8.19 16.79
N ARG A 174 8.16 -8.76 16.42
CA ARG A 174 8.06 -9.48 15.15
C ARG A 174 7.05 -8.81 14.25
N SER A 175 6.48 -7.69 14.69
CA SER A 175 5.50 -6.98 13.88
C SER A 175 5.59 -5.48 14.11
N TYR A 176 5.76 -4.74 13.02
CA TYR A 176 5.88 -3.28 13.06
C TYR A 176 5.05 -2.62 11.96
N GLU A 177 4.41 -1.49 12.29
CA GLU A 177 3.56 -0.74 11.35
C GLU A 177 3.62 0.78 11.55
N PHE A 178 3.16 1.52 10.53
CA PHE A 178 3.08 2.97 10.58
C PHE A 178 1.73 3.37 11.19
N SER A 179 1.80 4.07 12.31
CA SER A 179 0.61 4.53 13.01
C SER A 179 -0.11 5.56 12.15
N ASP A 180 -1.34 5.87 12.53
CA ASP A 180 -2.10 6.88 11.79
C ASP A 180 -1.49 8.27 11.84
N ASP A 181 -0.76 8.56 12.92
CA ASP A 181 -0.10 9.85 13.06
C ASP A 181 0.94 10.02 11.96
N SER A 182 1.77 8.99 11.78
CA SER A 182 2.80 9.01 10.76
C SER A 182 2.17 9.24 9.42
N MET A 183 1.03 8.63 9.16
CA MET A 183 0.35 8.82 7.90
C MET A 183 -0.08 10.24 7.65
N HIS A 184 -0.45 10.97 8.70
CA HIS A 184 -0.85 12.35 8.57
C HIS A 184 0.31 13.33 8.41
N TYR A 185 1.41 13.12 9.13
CA TYR A 185 2.59 13.97 9.01
C TYR A 185 3.06 13.94 7.57
N TYR A 186 3.18 12.74 7.02
CA TYR A 186 3.63 12.55 5.65
C TYR A 186 2.64 13.09 4.63
N GLU A 187 1.36 12.80 4.80
CA GLU A 187 0.37 13.30 3.87
C GLU A 187 0.44 14.83 3.75
N ARG A 188 0.74 15.50 4.86
CA ARG A 188 0.85 16.94 4.87
C ARG A 188 2.16 17.39 4.22
N PHE A 189 3.22 16.59 4.39
CA PHE A 189 4.54 16.89 3.79
C PHE A 189 4.38 16.91 2.27
N LEU A 190 3.59 15.98 1.76
CA LEU A 190 3.30 15.87 0.34
C LEU A 190 2.62 17.16 -0.14
N LYS A 191 1.54 17.53 0.52
CA LYS A 191 0.79 18.74 0.21
C LYS A 191 1.61 20.01 0.35
N GLN A 192 2.39 20.10 1.40
CA GLN A 192 3.21 21.27 1.66
C GLN A 192 4.41 21.42 0.74
N TYR A 193 5.24 20.39 0.65
CA TYR A 193 6.45 20.46 -0.14
C TYR A 193 6.36 20.07 -1.62
N LYS A 194 5.43 19.19 -1.97
CA LYS A 194 5.27 18.71 -3.36
C LYS A 194 6.62 18.35 -4.03
N PRO A 195 7.43 17.48 -3.38
CA PRO A 195 8.71 17.12 -3.99
C PRO A 195 8.56 16.39 -5.32
N GLN A 196 9.25 16.90 -6.33
CA GLN A 196 9.22 16.35 -7.68
C GLN A 196 9.98 15.04 -7.84
N CYS A 197 11.06 14.89 -7.08
CA CYS A 197 11.92 13.72 -7.20
C CYS A 197 11.33 12.36 -6.90
N ILE A 198 10.24 12.31 -6.13
CA ILE A 198 9.68 11.02 -5.83
C ILE A 198 8.50 10.62 -6.72
N LEU A 199 8.34 11.27 -7.86
CA LEU A 199 7.24 10.96 -8.77
C LEU A 199 7.51 9.97 -9.92
N ASN A 200 8.75 9.90 -10.41
CA ASN A 200 9.09 8.97 -11.51
C ASN A 200 9.27 7.55 -11.02
N LYS A 201 8.70 6.60 -11.76
CA LYS A 201 8.82 5.18 -11.44
C LYS A 201 10.21 4.78 -11.91
N PRO A 202 11.05 4.27 -10.99
CA PRO A 202 12.44 3.84 -11.21
C PRO A 202 12.61 2.71 -12.24
N LEU B 3 4.02 -8.71 -1.73
CA LEU B 3 2.87 -8.31 -2.59
C LEU B 3 3.32 -7.25 -3.57
N PRO B 4 3.38 -7.61 -4.87
CA PRO B 4 3.79 -6.76 -5.99
C PRO B 4 2.64 -5.81 -6.35
N GLN B 5 2.92 -4.78 -7.12
CA GLN B 5 1.85 -3.84 -7.48
C GLN B 5 0.97 -4.41 -8.55
N ARG B 6 -0.33 -4.40 -8.28
CA ARG B 6 -1.30 -4.87 -9.24
C ARG B 6 -2.31 -3.78 -9.53
N TYR B 7 -3.00 -3.89 -10.64
CA TYR B 7 -3.97 -2.90 -11.05
C TYR B 7 -5.25 -3.53 -11.52
N ILE B 8 -6.37 -3.08 -10.95
CA ILE B 8 -7.66 -3.60 -11.35
C ILE B 8 -8.46 -2.56 -12.14
N GLU B 9 -8.72 -2.86 -13.41
CA GLU B 9 -9.52 -1.99 -14.26
C GLU B 9 -10.97 -2.43 -14.06
N LEU B 10 -11.69 -1.64 -13.28
CA LEU B 10 -13.05 -1.94 -12.92
C LEU B 10 -14.16 -1.20 -13.67
N VAL B 11 -15.21 -1.93 -14.03
CA VAL B 11 -16.36 -1.31 -14.67
C VAL B 11 -17.52 -1.55 -13.70
N VAL B 12 -18.18 -0.48 -13.28
CA VAL B 12 -19.33 -0.54 -12.37
C VAL B 12 -20.58 -0.32 -13.24
N VAL B 13 -21.60 -1.16 -13.05
CA VAL B 13 -22.84 -1.06 -13.81
C VAL B 13 -23.99 -0.81 -12.85
N ALA B 14 -24.63 0.35 -12.94
CA ALA B 14 -25.77 0.68 -12.08
C ALA B 14 -27.07 0.32 -12.82
N ASP B 15 -27.98 -0.39 -12.14
CA ASP B 15 -29.25 -0.79 -12.78
C ASP B 15 -30.32 0.29 -12.89
N HIS B 16 -31.49 -0.06 -13.39
CA HIS B 16 -32.57 0.90 -13.56
C HIS B 16 -33.20 1.37 -12.24
N ARG B 17 -33.26 0.45 -11.29
CA ARG B 17 -33.78 0.70 -9.97
C ARG B 17 -32.94 1.78 -9.26
N VAL B 18 -31.63 1.76 -9.50
CA VAL B 18 -30.68 2.71 -8.92
C VAL B 18 -30.89 4.09 -9.55
N PHE B 19 -30.93 4.11 -10.87
CA PHE B 19 -31.15 5.30 -11.68
C PHE B 19 -32.30 6.12 -11.13
N MET B 20 -33.41 5.42 -10.89
CA MET B 20 -34.63 5.99 -10.35
C MET B 20 -34.45 6.43 -8.90
N LYS B 21 -33.86 5.55 -8.09
CA LYS B 21 -33.61 5.84 -6.69
C LYS B 21 -32.97 7.24 -6.52
N TYR B 22 -32.08 7.61 -7.43
CA TYR B 22 -31.42 8.90 -7.34
C TYR B 22 -32.06 9.98 -8.19
N ASN B 23 -33.36 9.82 -8.45
CA ASN B 23 -34.15 10.79 -9.22
C ASN B 23 -33.74 10.92 -10.68
N SER B 24 -33.20 9.87 -11.26
CA SER B 24 -32.77 9.93 -12.67
C SER B 24 -31.59 10.88 -12.89
N ASP B 25 -30.93 11.30 -11.80
CA ASP B 25 -29.79 12.23 -11.85
C ASP B 25 -28.44 11.54 -12.00
N LEU B 26 -28.01 11.43 -13.25
CA LEU B 26 -26.76 10.76 -13.59
C LEU B 26 -25.53 11.20 -12.78
N ASN B 27 -25.41 12.49 -12.53
CA ASN B 27 -24.27 12.99 -11.81
C ASN B 27 -24.25 12.54 -10.34
N THR B 28 -25.42 12.41 -9.72
CA THR B 28 -25.48 11.97 -8.34
C THR B 28 -24.93 10.57 -8.22
N ILE B 29 -25.33 9.73 -9.16
CA ILE B 29 -24.87 8.34 -9.20
C ILE B 29 -23.35 8.29 -9.45
N ARG B 30 -22.87 9.12 -10.38
CA ARG B 30 -21.45 9.18 -10.72
C ARG B 30 -20.61 9.62 -9.50
N THR B 31 -21.08 10.61 -8.76
CA THR B 31 -20.35 11.05 -7.60
C THR B 31 -20.22 9.97 -6.53
N ARG B 32 -21.30 9.24 -6.25
CA ARG B 32 -21.25 8.15 -5.26
C ARG B 32 -20.20 7.13 -5.67
N VAL B 33 -20.25 6.70 -6.93
CA VAL B 33 -19.31 5.71 -7.42
C VAL B 33 -17.87 6.17 -7.34
N HIS B 34 -17.60 7.42 -7.71
CA HIS B 34 -16.24 7.93 -7.61
C HIS B 34 -15.79 7.93 -6.17
N GLU B 35 -16.72 8.30 -5.30
CA GLU B 35 -16.48 8.36 -3.86
C GLU B 35 -16.11 6.99 -3.29
N ILE B 36 -16.95 6.02 -3.61
CA ILE B 36 -16.81 4.63 -3.22
C ILE B 36 -15.45 4.07 -3.67
N VAL B 37 -15.07 4.34 -4.91
CA VAL B 37 -13.80 3.86 -5.42
C VAL B 37 -12.61 4.37 -4.62
N ASN B 38 -12.68 5.61 -4.15
CA ASN B 38 -11.60 6.17 -3.31
C ASN B 38 -11.43 5.37 -2.03
N PHE B 39 -12.54 5.01 -1.40
CA PHE B 39 -12.53 4.21 -0.19
C PHE B 39 -11.91 2.85 -0.47
N ILE B 40 -12.33 2.23 -1.58
CA ILE B 40 -11.82 0.92 -1.99
C ILE B 40 -10.28 0.96 -2.06
N ASN B 41 -9.75 1.99 -2.70
CA ASN B 41 -8.30 2.17 -2.84
C ASN B 41 -7.59 2.37 -1.53
N GLY B 42 -8.29 2.93 -0.55
CA GLY B 42 -7.68 3.10 0.76
C GLY B 42 -7.52 1.77 1.45
N PHE B 43 -8.56 0.94 1.40
CA PHE B 43 -8.53 -0.39 2.02
C PHE B 43 -7.49 -1.28 1.36
N TYR B 44 -7.41 -1.18 0.03
CA TYR B 44 -6.47 -1.98 -0.74
C TYR B 44 -5.05 -1.49 -0.79
N ARG B 45 -4.78 -0.33 -0.22
CA ARG B 45 -3.44 0.25 -0.26
C ARG B 45 -2.37 -0.67 0.31
N SER B 46 -2.69 -1.37 1.39
CA SER B 46 -1.78 -2.29 2.06
C SER B 46 -1.54 -3.60 1.28
N LEU B 47 -2.38 -3.87 0.29
CA LEU B 47 -2.27 -5.07 -0.54
C LEU B 47 -1.51 -4.78 -1.85
N ASN B 48 -1.12 -3.52 -2.03
CA ASN B 48 -0.43 -3.09 -3.22
C ASN B 48 -1.30 -3.22 -4.47
N ILE B 49 -2.59 -2.99 -4.33
CA ILE B 49 -3.50 -3.07 -5.46
C ILE B 49 -4.10 -1.69 -5.69
N HIS B 50 -4.20 -1.29 -6.96
CA HIS B 50 -4.77 -0.01 -7.31
C HIS B 50 -5.99 -0.24 -8.20
N VAL B 51 -7.16 0.21 -7.74
CA VAL B 51 -8.44 0.10 -8.48
C VAL B 51 -8.73 1.33 -9.34
N SER B 52 -8.96 1.11 -10.64
CA SER B 52 -9.26 2.17 -11.59
C SER B 52 -10.68 2.02 -12.11
N LEU B 53 -11.49 3.08 -11.95
CA LEU B 53 -12.86 3.07 -12.43
C LEU B 53 -12.74 3.26 -13.94
N THR B 54 -12.62 2.17 -14.67
CA THR B 54 -12.50 2.20 -16.12
C THR B 54 -13.76 2.78 -16.76
N ASP B 55 -14.92 2.44 -16.23
CA ASP B 55 -16.15 2.97 -16.81
C ASP B 55 -17.34 2.67 -15.95
N LEU B 56 -18.29 3.60 -15.93
CA LEU B 56 -19.52 3.41 -15.20
C LEU B 56 -20.62 3.42 -16.26
N GLU B 57 -21.50 2.43 -16.21
CA GLU B 57 -22.61 2.30 -17.14
C GLU B 57 -23.95 2.34 -16.40
N ILE B 58 -24.79 3.32 -16.73
CA ILE B 58 -26.07 3.44 -16.07
C ILE B 58 -27.22 3.03 -16.97
N TRP B 59 -27.99 2.02 -16.55
CA TRP B 59 -29.12 1.52 -17.31
C TRP B 59 -30.35 2.42 -17.13
N SER B 60 -30.22 3.64 -17.65
CA SER B 60 -31.27 4.65 -17.57
C SER B 60 -32.54 4.38 -18.38
N ASN B 61 -32.45 3.57 -19.42
CA ASN B 61 -33.64 3.27 -20.22
C ASN B 61 -34.35 2.07 -19.61
N GLU B 62 -33.65 0.95 -19.60
CA GLU B 62 -34.16 -0.29 -19.05
C GLU B 62 -33.01 -1.22 -18.74
N ASP B 63 -33.30 -2.24 -17.93
CA ASP B 63 -32.32 -3.25 -17.53
C ASP B 63 -31.98 -4.18 -18.70
N GLN B 64 -30.69 -4.43 -18.89
CA GLN B 64 -30.21 -5.28 -19.97
C GLN B 64 -30.33 -6.73 -19.58
N ILE B 65 -30.68 -6.98 -18.32
CA ILE B 65 -30.85 -8.33 -17.80
C ILE B 65 -32.04 -8.32 -16.85
N ASN B 66 -32.45 -9.49 -16.40
CA ASN B 66 -33.55 -9.62 -15.46
C ASN B 66 -33.05 -9.61 -14.04
N ILE B 67 -33.18 -8.47 -13.39
CA ILE B 67 -32.77 -8.28 -12.00
C ILE B 67 -33.85 -8.90 -11.14
N GLN B 68 -33.46 -9.88 -10.32
CA GLN B 68 -34.35 -10.61 -9.43
C GLN B 68 -33.79 -10.55 -8.01
N SER B 69 -34.64 -10.75 -7.02
CA SER B 69 -34.21 -10.71 -5.62
C SER B 69 -33.31 -11.87 -5.22
N ALA B 70 -33.46 -12.99 -5.93
CA ALA B 70 -32.64 -14.15 -5.67
C ALA B 70 -31.29 -13.78 -6.24
N SER B 71 -30.39 -13.34 -5.38
CA SER B 71 -29.05 -12.90 -5.77
C SER B 71 -28.29 -13.84 -6.68
N SER B 72 -28.42 -15.15 -6.47
CA SER B 72 -27.73 -16.12 -7.32
C SER B 72 -28.27 -16.19 -8.74
N ASP B 73 -29.57 -15.93 -8.92
CA ASP B 73 -30.16 -15.93 -10.27
C ASP B 73 -29.62 -14.70 -10.99
N THR B 74 -29.64 -13.58 -10.27
CA THR B 74 -29.18 -12.31 -10.79
C THR B 74 -27.70 -12.38 -11.16
N LEU B 75 -26.88 -12.95 -10.29
CA LEU B 75 -25.47 -13.05 -10.54
C LEU B 75 -25.13 -13.75 -11.87
N ASN B 76 -25.80 -14.86 -12.17
CA ASN B 76 -25.53 -15.56 -13.43
C ASN B 76 -26.04 -14.75 -14.61
N ALA B 77 -27.18 -14.10 -14.42
CA ALA B 77 -27.78 -13.27 -15.47
C ALA B 77 -26.78 -12.18 -15.82
N PHE B 78 -26.05 -11.72 -14.82
CA PHE B 78 -25.04 -10.70 -15.02
C PHE B 78 -23.77 -11.30 -15.65
N ALA B 79 -23.33 -12.46 -15.16
CA ALA B 79 -22.13 -13.11 -15.68
C ALA B 79 -22.25 -13.39 -17.19
N GLU B 80 -23.39 -13.90 -17.60
CA GLU B 80 -23.65 -14.19 -19.02
C GLU B 80 -23.54 -12.92 -19.84
N TRP B 81 -24.08 -11.83 -19.30
CA TRP B 81 -24.08 -10.51 -19.93
C TRP B 81 -22.71 -9.81 -19.99
N ARG B 82 -21.97 -9.84 -18.89
CA ARG B 82 -20.65 -9.21 -18.84
C ARG B 82 -19.75 -9.80 -19.91
N GLU B 83 -19.81 -11.12 -20.06
CA GLU B 83 -18.99 -11.80 -21.06
C GLU B 83 -19.46 -11.53 -22.48
N THR B 84 -20.70 -11.89 -22.78
CA THR B 84 -21.21 -11.72 -24.14
C THR B 84 -21.52 -10.31 -24.56
N ASP B 85 -21.57 -9.38 -23.63
CA ASP B 85 -21.90 -8.02 -24.02
C ASP B 85 -20.86 -7.00 -23.68
N LEU B 86 -20.74 -6.72 -22.39
CA LEU B 86 -19.82 -5.68 -21.93
C LEU B 86 -18.38 -5.94 -22.33
N LEU B 87 -17.87 -7.13 -22.04
CA LEU B 87 -16.49 -7.47 -22.36
C LEU B 87 -16.24 -7.40 -23.87
N ASN B 88 -17.28 -7.64 -24.66
CA ASN B 88 -17.17 -7.59 -26.11
C ASN B 88 -17.02 -6.16 -26.60
N ARG B 89 -17.50 -5.21 -25.78
CA ARG B 89 -17.43 -3.78 -26.09
C ARG B 89 -16.21 -3.08 -25.50
N LYS B 90 -15.89 -3.41 -24.25
CA LYS B 90 -14.75 -2.80 -23.58
C LYS B 90 -13.87 -3.75 -22.76
N SER B 91 -12.56 -3.52 -22.83
CA SER B 91 -11.58 -4.30 -22.10
C SER B 91 -11.56 -3.83 -20.64
N HIS B 92 -11.82 -4.75 -19.72
CA HIS B 92 -11.81 -4.43 -18.30
C HIS B 92 -11.55 -5.74 -17.56
N ASP B 93 -11.03 -5.62 -16.33
CA ASP B 93 -10.70 -6.79 -15.55
C ASP B 93 -11.82 -7.37 -14.69
N ASN B 94 -12.71 -6.50 -14.22
CA ASN B 94 -13.79 -6.90 -13.31
C ASN B 94 -15.01 -5.99 -13.47
N ALA B 95 -16.21 -6.52 -13.23
CA ALA B 95 -17.43 -5.74 -13.33
C ALA B 95 -18.29 -6.01 -12.10
N GLN B 96 -18.69 -4.94 -11.41
CA GLN B 96 -19.52 -5.04 -10.22
C GLN B 96 -20.88 -4.45 -10.58
N LEU B 97 -21.95 -5.20 -10.33
CA LEU B 97 -23.28 -4.69 -10.60
C LEU B 97 -23.82 -4.04 -9.34
N LEU B 98 -24.30 -2.81 -9.45
CA LEU B 98 -24.87 -2.09 -8.31
C LEU B 98 -26.38 -2.07 -8.52
N THR B 99 -27.11 -2.70 -7.63
CA THR B 99 -28.55 -2.77 -7.73
C THR B 99 -29.32 -2.20 -6.53
N ALA B 100 -30.55 -1.79 -6.78
CA ALA B 100 -31.39 -1.23 -5.73
C ALA B 100 -32.52 -2.20 -5.35
N ILE B 101 -32.55 -3.36 -6.01
CA ILE B 101 -33.56 -4.36 -5.70
C ILE B 101 -33.23 -4.93 -4.31
N GLU B 102 -34.26 -5.18 -3.50
CA GLU B 102 -34.09 -5.73 -2.17
C GLU B 102 -33.68 -7.19 -2.36
N LEU B 103 -32.40 -7.48 -2.19
CA LEU B 103 -31.92 -8.85 -2.37
C LEU B 103 -32.37 -9.69 -1.15
N ASP B 104 -32.83 -10.90 -1.45
CA ASP B 104 -33.37 -11.85 -0.48
C ASP B 104 -32.85 -11.91 0.97
N GLU B 105 -32.42 -13.09 1.42
CA GLU B 105 -31.94 -13.29 2.80
C GLU B 105 -30.88 -12.30 3.23
N GLU B 106 -31.35 -11.08 3.50
CA GLU B 106 -30.52 -9.94 3.89
C GLU B 106 -29.18 -9.92 3.18
N THR B 107 -29.18 -10.26 1.90
CA THR B 107 -27.95 -10.29 1.11
C THR B 107 -27.63 -8.84 0.71
N LEU B 108 -26.36 -8.45 0.87
CA LEU B 108 -25.89 -7.10 0.53
C LEU B 108 -24.93 -7.10 -0.66
N GLY B 109 -24.52 -8.30 -1.06
CA GLY B 109 -23.59 -8.47 -2.16
C GLY B 109 -23.31 -9.95 -2.38
N LEU B 110 -22.61 -10.27 -3.45
CA LEU B 110 -22.29 -11.66 -3.77
C LEU B 110 -21.24 -11.69 -4.88
N ALA B 111 -20.23 -12.55 -4.75
CA ALA B 111 -19.17 -12.66 -5.75
C ALA B 111 -18.49 -14.03 -5.70
N PRO B 112 -18.16 -14.64 -6.87
CA PRO B 112 -17.49 -15.95 -6.90
C PRO B 112 -16.06 -15.87 -6.37
N LEU B 113 -15.61 -16.93 -5.71
CA LEU B 113 -14.28 -16.94 -5.12
C LEU B 113 -13.16 -17.22 -6.09
N GLY B 114 -12.13 -16.38 -6.06
CA GLY B 114 -10.97 -16.54 -6.91
C GLY B 114 -11.25 -16.64 -8.40
N THR B 115 -11.97 -15.66 -8.93
CA THR B 115 -12.32 -15.66 -10.33
C THR B 115 -11.80 -14.46 -11.07
N MET B 116 -10.95 -13.66 -10.44
CA MET B 116 -10.41 -12.46 -11.09
C MET B 116 -9.81 -12.78 -12.44
N CYS B 117 -10.28 -12.05 -13.45
CA CYS B 117 -9.85 -12.19 -14.85
C CYS B 117 -10.60 -13.28 -15.61
N ASP B 118 -11.45 -14.06 -14.94
CA ASP B 118 -12.19 -15.10 -15.63
C ASP B 118 -13.18 -14.34 -16.50
N PRO B 119 -13.21 -14.64 -17.80
CA PRO B 119 -14.11 -13.96 -18.74
C PRO B 119 -15.60 -13.92 -18.34
N LYS B 120 -16.05 -14.94 -17.61
CA LYS B 120 -17.46 -15.02 -17.20
C LYS B 120 -17.70 -14.65 -15.74
N LEU B 121 -16.78 -15.07 -14.86
CA LEU B 121 -16.93 -14.86 -13.43
C LEU B 121 -16.18 -13.73 -12.75
N SER B 122 -15.45 -12.90 -13.49
CA SER B 122 -14.74 -11.78 -12.88
C SER B 122 -15.81 -10.69 -12.66
N ILE B 123 -16.71 -10.94 -11.72
CA ILE B 123 -17.84 -10.07 -11.45
C ILE B 123 -18.30 -10.16 -9.98
N GLY B 124 -19.26 -9.32 -9.64
CA GLY B 124 -19.84 -9.30 -8.31
C GLY B 124 -21.12 -8.48 -8.34
N ILE B 125 -21.95 -8.64 -7.32
CA ILE B 125 -23.20 -7.86 -7.20
C ILE B 125 -23.17 -7.16 -5.83
N VAL B 126 -23.40 -5.86 -5.82
CA VAL B 126 -23.39 -5.08 -4.60
C VAL B 126 -24.76 -4.40 -4.52
N GLN B 127 -25.38 -4.42 -3.35
CA GLN B 127 -26.69 -3.79 -3.21
C GLN B 127 -26.51 -2.40 -2.63
N ASP B 128 -27.20 -1.40 -3.19
CA ASP B 128 -27.13 -0.04 -2.70
C ASP B 128 -27.95 -0.02 -1.41
N HIS B 129 -27.32 -0.40 -0.30
CA HIS B 129 -28.00 -0.50 0.98
C HIS B 129 -27.73 0.64 1.95
N SER B 130 -26.79 1.52 1.62
CA SER B 130 -26.45 2.59 2.54
C SER B 130 -26.10 3.93 1.90
N PRO B 131 -26.56 5.04 2.51
CA PRO B 131 -26.26 6.37 1.98
C PRO B 131 -24.84 6.81 2.43
N ILE B 132 -24.15 5.94 3.14
CA ILE B 132 -22.80 6.23 3.63
C ILE B 132 -21.79 5.57 2.68
N ASN B 133 -21.04 6.40 1.97
CA ASN B 133 -20.03 5.95 1.00
C ASN B 133 -19.00 4.99 1.58
N LEU B 134 -18.65 5.17 2.85
CA LEU B 134 -17.69 4.30 3.51
C LEU B 134 -18.21 2.87 3.57
N LEU B 135 -19.46 2.69 3.97
CA LEU B 135 -20.06 1.36 4.06
C LEU B 135 -20.23 0.74 2.70
N MET B 136 -20.50 1.57 1.68
CA MET B 136 -20.62 1.06 0.32
C MET B 136 -19.24 0.66 -0.20
N GLY B 137 -18.20 1.40 0.19
CA GLY B 137 -16.85 1.09 -0.22
C GLY B 137 -16.49 -0.28 0.34
N VAL B 138 -16.75 -0.49 1.63
CA VAL B 138 -16.49 -1.75 2.33
C VAL B 138 -17.25 -2.91 1.66
N THR B 139 -18.52 -2.68 1.34
CA THR B 139 -19.32 -3.70 0.67
C THR B 139 -18.66 -4.06 -0.67
N MET B 140 -18.27 -3.07 -1.47
CA MET B 140 -17.63 -3.36 -2.74
C MET B 140 -16.24 -4.01 -2.58
N ALA B 141 -15.43 -3.49 -1.65
CA ALA B 141 -14.09 -4.03 -1.39
C ALA B 141 -14.18 -5.49 -0.96
N HIS B 142 -15.27 -5.86 -0.30
CA HIS B 142 -15.48 -7.22 0.15
C HIS B 142 -15.79 -8.14 -1.04
N GLU B 143 -16.74 -7.73 -1.88
CA GLU B 143 -17.08 -8.54 -3.05
C GLU B 143 -15.88 -8.73 -3.98
N LEU B 144 -15.03 -7.72 -4.09
CA LEU B 144 -13.81 -7.80 -4.91
C LEU B 144 -12.82 -8.76 -4.22
N GLY B 145 -12.78 -8.68 -2.89
CA GLY B 145 -11.91 -9.51 -2.07
C GLY B 145 -12.17 -10.98 -2.31
N HIS B 146 -13.43 -11.36 -2.51
CA HIS B 146 -13.77 -12.75 -2.81
C HIS B 146 -13.21 -13.12 -4.18
N ASN B 147 -13.28 -12.18 -5.12
CA ASN B 147 -12.76 -12.38 -6.49
C ASN B 147 -11.23 -12.62 -6.46
N LEU B 148 -10.57 -12.05 -5.45
CA LEU B 148 -9.12 -12.17 -5.26
C LEU B 148 -8.63 -13.35 -4.37
N GLY B 149 -9.48 -14.35 -4.14
CA GLY B 149 -9.08 -15.50 -3.33
C GLY B 149 -9.44 -15.47 -1.85
N MET B 150 -9.94 -14.35 -1.36
CA MET B 150 -10.28 -14.25 0.04
C MET B 150 -11.58 -14.90 0.48
N GLU B 151 -11.52 -15.60 1.62
CA GLU B 151 -12.66 -16.24 2.22
C GLU B 151 -12.97 -15.41 3.45
N HIS B 152 -14.08 -15.68 4.12
CA HIS B 152 -14.46 -14.90 5.30
C HIS B 152 -13.56 -15.06 6.50
N ASP B 153 -13.55 -14.02 7.34
CA ASP B 153 -12.82 -13.97 8.59
C ASP B 153 -13.80 -14.48 9.65
N GLY B 154 -13.35 -14.48 10.90
CA GLY B 154 -14.23 -14.89 11.98
C GLY B 154 -15.21 -13.76 12.17
N LYS B 155 -16.41 -14.08 12.63
CA LYS B 155 -17.42 -13.05 12.84
C LYS B 155 -17.04 -11.90 13.78
N ASP B 156 -16.08 -12.13 14.67
CA ASP B 156 -15.68 -11.10 15.62
C ASP B 156 -14.31 -10.47 15.29
N CYS B 157 -13.85 -10.69 14.08
CA CYS B 157 -12.56 -10.19 13.62
C CYS B 157 -12.36 -8.68 13.79
N LEU B 158 -11.17 -8.32 14.27
CA LEU B 158 -10.76 -6.93 14.49
C LEU B 158 -9.28 -6.86 14.18
N ARG B 159 -8.87 -5.82 13.48
CA ARG B 159 -7.48 -5.62 13.19
C ARG B 159 -7.14 -4.36 13.98
N GLY B 160 -6.76 -4.57 15.24
CA GLY B 160 -6.48 -3.45 16.13
C GLY B 160 -7.88 -3.04 16.51
N ALA B 161 -8.25 -1.80 16.18
CA ALA B 161 -9.59 -1.32 16.48
C ALA B 161 -10.40 -1.19 15.19
N SER B 162 -9.84 -1.63 14.08
CA SER B 162 -10.52 -1.60 12.80
C SER B 162 -11.21 -2.94 12.59
N LEU B 163 -12.36 -2.92 11.94
CA LEU B 163 -13.13 -4.13 11.65
C LEU B 163 -12.53 -4.78 10.39
N CYS B 164 -12.47 -6.10 10.36
CA CYS B 164 -11.95 -6.81 9.20
C CYS B 164 -12.99 -6.74 8.10
N ILE B 165 -12.54 -6.41 6.89
CA ILE B 165 -13.40 -6.28 5.73
C ILE B 165 -14.09 -7.58 5.33
N MET B 166 -13.41 -8.71 5.51
CA MET B 166 -13.96 -10.03 5.16
C MET B 166 -14.83 -10.78 6.19
N ARG B 167 -15.26 -10.11 7.25
CA ARG B 167 -16.13 -10.75 8.21
C ARG B 167 -17.34 -11.18 7.42
N PRO B 168 -18.04 -12.24 7.85
CA PRO B 168 -19.22 -12.68 7.09
C PRO B 168 -20.43 -11.73 7.10
N GLY B 169 -20.40 -10.70 7.94
CA GLY B 169 -21.49 -9.75 7.97
C GLY B 169 -20.96 -8.34 8.10
N LEU B 170 -21.78 -7.34 7.76
CA LEU B 170 -21.34 -5.95 7.87
C LEU B 170 -21.84 -5.30 9.15
N THR B 171 -20.90 -4.80 9.94
CA THR B 171 -21.19 -4.10 11.19
C THR B 171 -20.73 -2.68 10.94
N LYS B 172 -21.47 -1.70 11.47
CA LYS B 172 -21.08 -0.32 11.26
C LYS B 172 -19.93 0.09 12.16
N GLY B 173 -18.98 0.78 11.55
CA GLY B 173 -17.81 1.27 12.25
C GLY B 173 -17.22 2.37 11.41
N ARG B 174 -16.19 3.03 11.92
CA ARG B 174 -15.57 4.09 11.15
C ARG B 174 -14.18 3.67 10.70
N SER B 175 -13.76 2.49 11.13
CA SER B 175 -12.44 1.96 10.75
C SER B 175 -12.50 0.51 10.26
N TYR B 176 -12.02 0.28 9.04
CA TYR B 176 -11.99 -1.03 8.40
C TYR B 176 -10.64 -1.39 7.79
N GLU B 177 -10.25 -2.65 7.94
CA GLU B 177 -8.99 -3.14 7.42
C GLU B 177 -9.10 -4.59 6.97
N PHE B 178 -8.10 -5.03 6.21
CA PHE B 178 -8.00 -6.38 5.73
C PHE B 178 -7.16 -7.11 6.77
N SER B 179 -7.63 -8.29 7.18
CA SER B 179 -6.90 -9.06 8.16
C SER B 179 -5.73 -9.79 7.49
N ASP B 180 -4.92 -10.44 8.32
CA ASP B 180 -3.79 -11.22 7.84
C ASP B 180 -4.24 -12.40 7.00
N ASP B 181 -5.34 -13.03 7.40
CA ASP B 181 -5.86 -14.16 6.65
C ASP B 181 -6.12 -13.68 5.22
N SER B 182 -6.75 -12.50 5.10
CA SER B 182 -7.04 -11.92 3.81
C SER B 182 -5.77 -11.78 2.98
N MET B 183 -4.72 -11.23 3.58
CA MET B 183 -3.44 -11.03 2.89
C MET B 183 -2.79 -12.33 2.43
N HIS B 184 -2.95 -13.38 3.22
CA HIS B 184 -2.38 -14.67 2.88
C HIS B 184 -3.21 -15.38 1.83
N TYR B 185 -4.53 -15.24 1.90
CA TYR B 185 -5.39 -15.86 0.89
C TYR B 185 -5.01 -15.22 -0.43
N TYR B 186 -5.02 -13.89 -0.44
CA TYR B 186 -4.69 -13.15 -1.65
C TYR B 186 -3.30 -13.49 -2.19
N GLU B 187 -2.29 -13.48 -1.33
CA GLU B 187 -0.93 -13.80 -1.77
C GLU B 187 -0.88 -15.15 -2.49
N ARG B 188 -1.51 -16.17 -1.91
CA ARG B 188 -1.53 -17.47 -2.50
C ARG B 188 -2.25 -17.48 -3.86
N PHE B 189 -3.35 -16.75 -3.99
CA PHE B 189 -4.11 -16.67 -5.24
C PHE B 189 -3.21 -16.02 -6.30
N LEU B 190 -2.36 -15.11 -5.85
CA LEU B 190 -1.42 -14.41 -6.72
C LEU B 190 -0.33 -15.36 -7.21
N LYS B 191 0.21 -16.17 -6.33
CA LYS B 191 1.26 -17.13 -6.70
C LYS B 191 0.71 -18.31 -7.49
N GLN B 192 -0.39 -18.88 -7.03
CA GLN B 192 -1.01 -20.03 -7.70
C GLN B 192 -1.68 -19.71 -9.04
N TYR B 193 -2.87 -19.13 -8.93
CA TYR B 193 -3.74 -18.78 -10.04
C TYR B 193 -3.13 -17.81 -11.06
N LYS B 194 -2.21 -16.99 -10.59
CA LYS B 194 -1.51 -16.00 -11.40
C LYS B 194 -2.38 -15.27 -12.42
N PRO B 195 -3.35 -14.47 -11.94
CA PRO B 195 -4.25 -13.73 -12.82
C PRO B 195 -3.42 -12.83 -13.75
N GLN B 196 -3.63 -12.99 -15.05
CA GLN B 196 -2.89 -12.26 -16.07
C GLN B 196 -3.30 -10.82 -16.33
N CYS B 197 -4.58 -10.54 -16.12
CA CYS B 197 -5.16 -9.24 -16.39
C CYS B 197 -4.90 -8.12 -15.41
N ILE B 198 -4.35 -8.43 -14.26
CA ILE B 198 -4.16 -7.37 -13.27
C ILE B 198 -2.76 -6.80 -13.14
N LEU B 199 -1.96 -6.84 -14.21
CA LEU B 199 -0.62 -6.30 -14.11
C LEU B 199 -0.40 -4.97 -14.81
N ASN B 200 -1.16 -4.71 -15.87
CA ASN B 200 -1.02 -3.46 -16.64
C ASN B 200 -1.55 -2.22 -15.94
N LYS B 201 -0.73 -1.15 -16.00
CA LYS B 201 -1.07 0.13 -15.43
C LYS B 201 -2.07 0.72 -16.41
N PRO B 202 -3.33 0.87 -15.97
CA PRO B 202 -4.42 1.42 -16.77
C PRO B 202 -4.23 2.89 -17.20
ZN ZN C . 13.49 8.95 15.17
CA CA D . 13.22 9.97 -8.36
ZN ZN E . -18.54 -12.45 1.71
CA CA F . -5.93 -5.07 -16.67
#